data_4CVM
#
_entry.id   4CVM
#
_cell.length_a   58.540
_cell.length_b   86.050
_cell.length_c   88.240
_cell.angle_alpha   90.00
_cell.angle_beta   90.00
_cell.angle_gamma   90.00
#
_symmetry.space_group_name_H-M   'P 21 21 21'
#
loop_
_entity.id
_entity.type
_entity.pdbx_description
1 polymer 'UDP-N-ACETYLMURAMOYL-TRIPEPTIDE--D-ALANYL-D- ALANINE LIGASE'
2 non-polymer ALANINE
3 non-polymer "URIDINE-5'-DIPHOSPHATE"
4 non-polymer 'N-acetyl-alpha-muramic acid'
5 non-polymer 'GAMMA-D-GLUTAMIC ACID'
6 non-polymer 'PHOSPHOAMINOPHOSPHONIC ACID-ADENYLATE ESTER'
7 non-polymer 'MAGNESIUM ION'
8 water water
#
_entity_poly.entity_id   1
_entity_poly.type   'polypeptide(L)'
_entity_poly.pdbx_seq_one_letter_code
;MLEPLRLSQLTVALDARLIGEDAVFSAVSTDSRAIGPGELFIALSGPRFDGHDYLAEVAAKGAVAALVEREVADAPLPQL
LVRDTRAALGRLGALNRRKFTGPLAAMTGSSGKTTVKEMLASILRTQAGDAESVLATRGNLNNDLGVPLTLLQLAPQHRS
AVIELGASRIGEIAYTVELTRPHVAIITNAGTAHVGEFGGPEKIVEAKGEILEGLAADGTAVLNLDDKAFDTWKARASGR
PLLTFSLDRPQADFRAADLQRDARGCMGFRLQGVAGEAQVQLNLLGRHNVANALAAAAAAHALGVPLDGIVAGLQALQPV
KGRAVAQLTASGLRVIDDSYNANPASMLAAIDILSGFSGRTVLVLGDMGELGSWAEQAHREVGAYAAGKVSALYAVGPLM
AHAVQAFGATGRHFADQASLIGALATEDPTTTILIKGSRSAAMDKVVAALCGSSEESHSSVDKLAAALEHHHHHH
;
_entity_poly.pdbx_strand_id   A
#
loop_
_chem_comp.id
_chem_comp.type
_chem_comp.name
_chem_comp.formula
ANP non-polymer 'PHOSPHOAMINOPHOSPHONIC ACID-ADENYLATE ESTER' 'C10 H17 N6 O12 P3'
FGA D-gamma-peptide, C-delta linking 'GAMMA-D-GLUTAMIC ACID' 'C5 H9 N O4'
MG non-polymer 'MAGNESIUM ION' 'Mg 2'
MUB D-saccharide, alpha linking 'N-acetyl-alpha-muramic acid' 'C11 H19 N O8'
UDP RNA linking URIDINE-5'-DIPHOSPHATE 'C9 H14 N2 O12 P2'
#
# COMPACT_ATOMS: atom_id res chain seq x y z
N MET A 1 11.21 -7.56 -16.78
CA MET A 1 10.90 -8.78 -17.57
C MET A 1 12.06 -9.74 -17.46
N LEU A 2 11.76 -11.04 -17.42
CA LEU A 2 12.81 -12.03 -17.31
C LEU A 2 13.60 -12.17 -18.63
N GLU A 3 12.99 -11.80 -19.75
CA GLU A 3 13.68 -11.80 -21.04
C GLU A 3 12.89 -10.91 -22.01
N PRO A 4 13.61 -10.29 -22.97
CA PRO A 4 12.92 -9.53 -24.05
C PRO A 4 11.93 -10.43 -24.79
N LEU A 5 10.84 -9.87 -25.27
CA LEU A 5 9.87 -10.65 -26.03
C LEU A 5 9.76 -10.03 -27.42
N ARG A 6 9.44 -10.88 -28.37
CA ARG A 6 9.35 -10.54 -29.78
C ARG A 6 7.88 -10.47 -30.16
N LEU A 7 7.47 -9.41 -30.84
CA LEU A 7 6.06 -9.24 -31.17
C LEU A 7 5.49 -10.45 -31.92
N SER A 8 6.24 -10.97 -32.87
CA SER A 8 5.70 -12.09 -33.64
C SER A 8 5.55 -13.38 -32.85
N GLN A 9 6.30 -13.53 -31.76
CA GLN A 9 6.11 -14.70 -30.89
C GLN A 9 4.94 -14.52 -29.92
N LEU A 10 4.26 -13.38 -29.95
CA LEU A 10 3.11 -13.16 -29.09
C LEU A 10 1.75 -13.16 -29.82
N THR A 11 1.74 -13.39 -31.12
CA THR A 11 0.47 -13.27 -31.84
C THR A 11 -0.50 -14.34 -31.34
N VAL A 12 0.08 -15.52 -31.18
CA VAL A 12 -0.63 -16.65 -30.65
C VAL A 12 -1.02 -16.47 -29.18
N ALA A 13 -0.09 -16.14 -28.30
CA ALA A 13 -0.41 -16.05 -26.89
C ALA A 13 -1.38 -14.89 -26.58
N LEU A 14 -1.33 -13.80 -27.35
CA LEU A 14 -2.23 -12.68 -27.08
C LEU A 14 -3.43 -12.66 -28.00
N ASP A 15 -3.47 -13.57 -28.97
CA ASP A 15 -4.54 -13.53 -29.97
C ASP A 15 -4.50 -12.20 -30.73
N ALA A 16 -3.35 -11.90 -31.29
CA ALA A 16 -3.06 -10.59 -31.83
C ALA A 16 -2.67 -10.71 -33.28
N ARG A 17 -2.82 -9.62 -34.01
CA ARG A 17 -2.29 -9.49 -35.37
C ARG A 17 -1.16 -8.46 -35.35
N LEU A 18 0.00 -8.83 -35.84
CA LEU A 18 1.11 -7.90 -36.07
C LEU A 18 0.90 -7.03 -37.33
N ILE A 19 0.90 -5.69 -37.16
CA ILE A 19 0.81 -4.73 -38.24
C ILE A 19 2.14 -3.96 -38.32
N GLY A 20 2.90 -4.19 -39.40
CA GLY A 20 4.23 -3.58 -39.60
C GLY A 20 5.37 -4.49 -39.19
N GLU A 21 6.54 -3.92 -38.94
CA GLU A 21 7.76 -4.71 -38.68
C GLU A 21 7.73 -5.47 -37.36
N ASP A 22 8.51 -6.53 -37.28
CA ASP A 22 8.62 -7.27 -36.03
C ASP A 22 9.49 -6.38 -35.12
N ALA A 23 9.49 -6.65 -33.84
CA ALA A 23 10.22 -5.85 -32.85
C ALA A 23 10.38 -6.67 -31.58
N VAL A 24 11.40 -6.32 -30.82
CA VAL A 24 11.75 -6.95 -29.56
C VAL A 24 11.68 -5.85 -28.49
N PHE A 25 11.01 -6.13 -27.36
CA PHE A 25 10.90 -5.15 -26.25
C PHE A 25 11.34 -5.81 -24.94
N SER A 26 11.90 -5.00 -24.03
CA SER A 26 12.42 -5.50 -22.78
C SER A 26 11.72 -4.83 -21.61
N ALA A 27 10.77 -3.94 -21.87
CA ALA A 27 9.91 -3.43 -20.78
C ALA A 27 8.61 -2.88 -21.44
N VAL A 28 7.58 -2.59 -20.63
CA VAL A 28 6.31 -2.06 -21.14
C VAL A 28 5.93 -0.82 -20.42
N SER A 29 5.16 0.05 -21.07
CA SER A 29 4.64 1.23 -20.41
C SER A 29 3.25 1.49 -20.91
N THR A 30 2.37 1.95 -20.02
CA THR A 30 1.01 2.34 -20.38
C THR A 30 0.86 3.81 -20.44
N ASP A 31 1.98 4.55 -20.51
CA ASP A 31 1.90 6.00 -20.42
C ASP A 31 2.93 6.70 -21.31
N SER A 32 2.48 7.44 -22.31
CA SER A 32 3.41 8.18 -23.19
C SER A 32 4.26 9.18 -22.47
N ARG A 33 3.81 9.63 -21.30
CA ARG A 33 4.61 10.54 -20.46
C ARG A 33 5.74 9.83 -19.74
N ALA A 34 5.78 8.49 -19.73
CA ALA A 34 6.84 7.78 -19.05
C ALA A 34 7.20 6.53 -19.86
N ILE A 35 7.90 6.72 -20.96
CA ILE A 35 8.29 5.61 -21.83
C ILE A 35 9.58 6.00 -22.48
N GLY A 36 10.34 5.00 -22.89
CA GLY A 36 11.60 5.22 -23.50
C GLY A 36 12.03 4.05 -24.35
N PRO A 37 13.28 4.08 -24.81
CA PRO A 37 13.79 3.19 -25.83
C PRO A 37 13.59 1.75 -25.50
N GLY A 38 13.16 0.96 -26.46
CA GLY A 38 13.18 -0.46 -26.24
C GLY A 38 11.86 -0.92 -25.66
N GLU A 39 10.91 -0.01 -25.43
CA GLU A 39 9.70 -0.37 -24.64
C GLU A 39 8.48 -0.55 -25.51
N LEU A 40 7.60 -1.44 -25.07
CA LEU A 40 6.29 -1.57 -25.70
C LEU A 40 5.33 -0.59 -25.06
N PHE A 41 4.65 0.20 -25.88
CA PHE A 41 3.58 1.06 -25.39
C PHE A 41 2.24 0.27 -25.44
N ILE A 42 1.49 0.39 -24.38
CA ILE A 42 0.21 -0.21 -24.29
C ILE A 42 -0.85 0.88 -24.24
N ALA A 43 -1.71 0.91 -25.26
CA ALA A 43 -2.76 1.91 -25.37
C ALA A 43 -4.03 1.50 -24.63
N LEU A 44 -4.34 2.18 -23.54
CA LEU A 44 -5.55 2.02 -22.76
C LEU A 44 -6.47 3.22 -22.89
N SER A 45 -7.77 2.95 -22.85
CA SER A 45 -8.82 3.99 -22.74
C SER A 45 -9.22 4.25 -21.31
N GLY A 46 -9.43 5.50 -20.97
CA GLY A 46 -9.86 5.85 -19.65
C GLY A 46 -10.94 6.91 -19.68
N PRO A 47 -11.27 7.43 -18.51
CA PRO A 47 -12.30 8.48 -18.40
C PRO A 47 -11.84 9.86 -18.92
N ARG A 48 -10.53 10.13 -18.93
CA ARG A 48 -9.96 11.42 -19.33
C ARG A 48 -9.21 11.36 -20.65
N PHE A 49 -8.45 10.30 -20.91
CA PHE A 49 -7.67 10.21 -22.15
C PHE A 49 -7.81 8.87 -22.87
N ASP A 50 -7.36 8.85 -24.09
CA ASP A 50 -7.24 7.61 -24.85
C ASP A 50 -5.78 7.39 -25.30
N GLY A 51 -5.15 6.33 -24.80
CA GLY A 51 -3.78 6.02 -25.20
C GLY A 51 -3.49 5.95 -26.70
N HIS A 52 -4.49 5.56 -27.48
CA HIS A 52 -4.30 5.43 -28.94
C HIS A 52 -3.98 6.74 -29.68
N ASP A 53 -4.21 7.86 -29.01
CA ASP A 53 -3.97 9.18 -29.53
C ASP A 53 -2.49 9.57 -29.43
N TYR A 54 -1.64 8.74 -28.81
CA TYR A 54 -0.25 9.16 -28.49
C TYR A 54 0.83 8.37 -29.25
N LEU A 55 0.48 7.81 -30.40
CA LEU A 55 1.46 6.96 -31.09
C LEU A 55 2.71 7.72 -31.62
N ALA A 56 2.49 8.90 -32.14
CA ALA A 56 3.60 9.74 -32.59
C ALA A 56 4.56 10.04 -31.42
N GLU A 57 3.98 10.39 -30.29
CA GLU A 57 4.77 10.69 -29.09
C GLU A 57 5.63 9.52 -28.62
N VAL A 58 5.06 8.34 -28.59
CA VAL A 58 5.82 7.19 -28.14
C VAL A 58 6.82 6.76 -29.18
N ALA A 59 6.50 6.90 -30.46
CA ALA A 59 7.52 6.55 -31.50
C ALA A 59 8.75 7.50 -31.36
N ALA A 60 8.48 8.80 -31.24
CA ALA A 60 9.53 9.78 -31.03
C ALA A 60 10.38 9.52 -29.79
N LYS A 61 9.84 8.92 -28.72
CA LYS A 61 10.61 8.63 -27.56
C LYS A 61 11.32 7.28 -27.62
N GLY A 62 11.14 6.56 -28.72
CA GLY A 62 11.84 5.32 -28.89
C GLY A 62 11.09 4.04 -28.58
N ALA A 63 9.75 4.08 -28.45
CA ALA A 63 9.00 2.86 -28.19
C ALA A 63 9.12 2.00 -29.43
N VAL A 64 9.23 0.70 -29.26
CA VAL A 64 9.41 -0.16 -30.42
C VAL A 64 8.11 -0.53 -31.12
N ALA A 65 6.98 -0.38 -30.45
CA ALA A 65 5.69 -0.86 -31.00
C ALA A 65 4.64 -0.44 -30.04
N ALA A 66 3.39 -0.50 -30.47
CA ALA A 66 2.26 -0.27 -29.63
C ALA A 66 1.24 -1.45 -29.64
N LEU A 67 0.79 -1.85 -28.43
CA LEU A 67 -0.27 -2.81 -28.27
C LEU A 67 -1.56 -2.02 -28.27
N VAL A 68 -2.42 -2.28 -29.27
CA VAL A 68 -3.61 -1.47 -29.47
C VAL A 68 -4.88 -2.33 -29.63
N GLU A 69 -6.03 -1.75 -29.36
CA GLU A 69 -7.28 -2.43 -29.60
C GLU A 69 -8.06 -1.82 -30.75
N ARG A 70 -7.47 -0.85 -31.44
CA ARG A 70 -8.02 -0.46 -32.75
C ARG A 70 -6.87 0.00 -33.58
N GLU A 71 -6.95 -0.35 -34.86
CA GLU A 71 -5.88 -0.08 -35.77
C GLU A 71 -5.84 1.40 -36.07
N VAL A 72 -4.68 2.02 -35.90
CA VAL A 72 -4.53 3.43 -36.20
C VAL A 72 -3.94 3.48 -37.60
N ALA A 73 -4.65 4.18 -38.49
CA ALA A 73 -4.30 4.26 -39.91
C ALA A 73 -2.98 4.96 -40.08
N ASP A 74 -2.06 4.28 -40.76
CA ASP A 74 -0.72 4.77 -41.03
C ASP A 74 0.02 5.18 -39.75
N ALA A 75 0.19 4.23 -38.85
CA ALA A 75 0.81 4.49 -37.57
C ALA A 75 2.33 4.65 -37.74
N PRO A 76 2.95 5.49 -36.90
CA PRO A 76 4.38 5.71 -37.03
C PRO A 76 5.26 4.63 -36.41
N LEU A 77 4.67 3.53 -35.96
CA LEU A 77 5.45 2.39 -35.45
C LEU A 77 4.61 1.11 -35.60
N PRO A 78 5.22 -0.05 -35.48
CA PRO A 78 4.42 -1.26 -35.59
C PRO A 78 3.30 -1.38 -34.51
N GLN A 79 2.21 -2.05 -34.86
CA GLN A 79 1.11 -2.28 -33.97
C GLN A 79 0.88 -3.76 -33.71
N LEU A 80 0.53 -4.10 -32.49
CA LEU A 80 0.11 -5.46 -32.19
C LEU A 80 -1.33 -5.26 -31.79
N LEU A 81 -2.24 -5.66 -32.70
CA LEU A 81 -3.70 -5.46 -32.51
C LEU A 81 -4.39 -6.66 -31.81
N VAL A 82 -5.14 -6.36 -30.75
CA VAL A 82 -5.84 -7.38 -29.97
C VAL A 82 -7.20 -6.81 -29.77
N ARG A 83 -8.12 -7.56 -29.18
CA ARG A 83 -9.46 -6.99 -28.88
C ARG A 83 -9.59 -6.15 -27.63
N ASP A 84 -8.76 -6.41 -26.61
CA ASP A 84 -8.89 -5.78 -25.34
C ASP A 84 -7.44 -5.59 -24.78
N THR A 85 -6.96 -4.35 -24.67
CA THR A 85 -5.56 -4.10 -24.26
C THR A 85 -5.35 -4.32 -22.75
N ARG A 86 -6.41 -4.17 -21.96
CA ARG A 86 -6.39 -4.50 -20.52
C ARG A 86 -6.16 -5.98 -20.34
N ALA A 87 -6.79 -6.79 -21.15
CA ALA A 87 -6.59 -8.23 -21.04
C ALA A 87 -5.28 -8.69 -21.60
N ALA A 88 -4.80 -8.06 -22.70
CA ALA A 88 -3.48 -8.44 -23.24
C ALA A 88 -2.38 -8.08 -22.19
N LEU A 89 -2.54 -6.98 -21.49
CA LEU A 89 -1.59 -6.58 -20.42
C LEU A 89 -1.55 -7.66 -19.34
N GLY A 90 -2.73 -8.05 -18.87
CA GLY A 90 -2.89 -9.17 -17.94
C GLY A 90 -2.17 -10.43 -18.35
N ARG A 91 -2.36 -10.85 -19.61
CA ARG A 91 -1.68 -12.00 -20.09
C ARG A 91 -0.17 -11.86 -20.14
N LEU A 92 0.32 -10.71 -20.57
CA LEU A 92 1.78 -10.46 -20.48
C LEU A 92 2.36 -10.55 -19.07
N GLY A 93 1.60 -10.06 -18.11
CA GLY A 93 2.00 -10.15 -16.73
C GLY A 93 2.06 -11.58 -16.26
N ALA A 94 1.01 -12.35 -16.59
CA ALA A 94 0.98 -13.76 -16.24
C ALA A 94 2.11 -14.53 -16.86
N LEU A 95 2.42 -14.22 -18.10
CA LEU A 95 3.45 -14.92 -18.84
C LEU A 95 4.82 -14.62 -18.23
N ASN A 96 5.08 -13.35 -17.85
CA ASN A 96 6.32 -13.03 -17.17
C ASN A 96 6.39 -13.68 -15.80
N ARG A 97 5.29 -13.70 -15.08
CA ARG A 97 5.36 -14.33 -13.78
C ARG A 97 5.74 -15.85 -13.89
N ARG A 98 5.24 -16.49 -14.93
CA ARG A 98 5.53 -17.92 -15.10
C ARG A 98 6.97 -18.23 -15.43
N LYS A 99 7.72 -17.23 -15.87
CA LYS A 99 9.17 -17.37 -16.02
C LYS A 99 9.94 -17.23 -14.70
N PHE A 100 9.36 -16.57 -13.71
CA PHE A 100 10.02 -16.31 -12.46
C PHE A 100 9.88 -17.56 -11.60
N THR A 101 10.96 -18.00 -10.98
CA THR A 101 10.91 -19.25 -10.22
C THR A 101 11.12 -19.10 -8.70
N GLY A 102 11.29 -17.87 -8.22
CA GLY A 102 11.53 -17.67 -6.80
C GLY A 102 10.20 -17.58 -6.03
N PRO A 103 10.30 -17.60 -4.70
CA PRO A 103 9.17 -17.41 -3.78
C PRO A 103 8.41 -16.11 -4.06
N LEU A 104 7.09 -16.21 -4.01
CA LEU A 104 6.22 -15.06 -4.27
C LEU A 104 5.11 -15.07 -3.23
N ALA A 105 4.98 -13.95 -2.54
CA ALA A 105 3.92 -13.77 -1.58
C ALA A 105 2.96 -12.66 -2.04
N ALA A 106 1.68 -12.81 -1.71
CA ALA A 106 0.69 -11.80 -2.03
C ALA A 106 -0.22 -11.51 -0.87
N MET A 107 -0.71 -10.28 -0.79
CA MET A 107 -1.59 -9.89 0.28
C MET A 107 -2.76 -9.01 -0.19
N THR A 108 -3.91 -9.25 0.42
CA THR A 108 -5.05 -8.39 0.25
C THR A 108 -5.68 -8.07 1.61
N GLY A 109 -6.77 -7.32 1.57
CA GLY A 109 -7.41 -6.88 2.79
C GLY A 109 -8.06 -5.52 2.56
N SER A 110 -8.81 -5.07 3.53
CA SER A 110 -9.42 -3.75 3.43
C SER A 110 -8.39 -2.71 3.80
N SER A 111 -7.59 -3.00 4.82
CA SER A 111 -6.56 -2.06 5.20
C SER A 111 -5.31 -2.84 5.63
N GLY A 112 -4.17 -2.18 5.52
CA GLY A 112 -2.89 -2.74 5.93
C GLY A 112 -2.13 -3.48 4.83
N LYS A 113 -2.65 -3.49 3.61
CA LYS A 113 -2.00 -4.15 2.46
C LYS A 113 -0.62 -3.62 2.20
N THR A 114 -0.51 -2.29 2.03
CA THR A 114 0.76 -1.65 1.73
C THR A 114 1.73 -1.84 2.87
N THR A 115 1.23 -1.71 4.08
CA THR A 115 2.12 -1.82 5.23
C THR A 115 2.66 -3.24 5.41
N VAL A 116 1.79 -4.24 5.30
CA VAL A 116 2.24 -5.62 5.37
C VAL A 116 3.25 -5.90 4.23
N LYS A 117 2.95 -5.37 3.07
CA LYS A 117 3.89 -5.46 1.95
C LYS A 117 5.32 -4.92 2.23
N GLU A 118 5.39 -3.71 2.80
CA GLU A 118 6.65 -3.07 3.15
C GLU A 118 7.30 -3.78 4.28
N MET A 119 6.50 -4.30 5.22
CA MET A 119 7.08 -5.04 6.31
C MET A 119 7.74 -6.32 5.79
N LEU A 120 6.99 -7.10 5.01
CA LEU A 120 7.49 -8.33 4.45
C LEU A 120 8.72 -8.07 3.51
N ALA A 121 8.63 -7.06 2.65
CA ALA A 121 9.77 -6.67 1.85
C ALA A 121 10.99 -6.33 2.69
N SER A 122 10.79 -5.60 3.74
CA SER A 122 11.89 -5.24 4.63
C SER A 122 12.55 -6.50 5.25
N ILE A 123 11.73 -7.39 5.74
CA ILE A 123 12.22 -8.67 6.23
C ILE A 123 13.03 -9.45 5.21
N LEU A 124 12.49 -9.63 3.99
CA LEU A 124 13.19 -10.42 3.00
C LEU A 124 14.47 -9.73 2.54
N ARG A 125 14.42 -8.40 2.40
CA ARG A 125 15.61 -7.64 1.99
C ARG A 125 16.70 -7.69 3.06
N THR A 126 16.28 -7.64 4.32
CA THR A 126 17.20 -7.67 5.45
C THR A 126 17.88 -9.06 5.51
N GLN A 127 17.09 -10.12 5.36
CA GLN A 127 17.60 -11.47 5.33
C GLN A 127 18.55 -11.71 4.15
N ALA A 128 18.25 -11.13 2.99
CA ALA A 128 19.08 -11.32 1.81
C ALA A 128 20.32 -10.41 1.82
N GLY A 129 20.23 -9.32 2.53
CA GLY A 129 21.34 -8.43 2.66
C GLY A 129 21.42 -7.47 1.51
N ASP A 130 20.31 -7.30 0.78
CA ASP A 130 20.29 -6.54 -0.48
C ASP A 130 18.84 -6.20 -0.82
N ALA A 131 18.59 -4.97 -1.18
CA ALA A 131 17.24 -4.55 -1.53
C ALA A 131 16.79 -4.95 -2.94
N GLU A 132 17.74 -5.01 -3.87
CA GLU A 132 17.41 -5.15 -5.27
C GLU A 132 16.91 -6.54 -5.61
N SER A 133 17.19 -7.50 -4.76
CA SER A 133 16.84 -8.88 -5.06
C SER A 133 15.38 -9.20 -4.71
N VAL A 134 14.67 -8.25 -4.07
CA VAL A 134 13.27 -8.49 -3.64
C VAL A 134 12.42 -7.51 -4.41
N LEU A 135 11.58 -8.00 -5.28
CA LEU A 135 10.61 -7.16 -5.97
C LEU A 135 9.39 -6.89 -5.09
N ALA A 136 8.97 -5.65 -4.99
CA ALA A 136 7.66 -5.37 -4.36
C ALA A 136 6.89 -4.39 -5.15
N THR A 137 5.56 -4.46 -5.03
CA THR A 137 4.66 -3.57 -5.73
C THR A 137 5.12 -2.11 -5.42
N ARG A 138 5.21 -1.29 -6.43
CA ARG A 138 5.56 0.13 -6.24
C ARG A 138 4.26 0.92 -5.94
N GLY A 139 4.32 1.73 -4.90
CA GLY A 139 3.16 2.50 -4.40
C GLY A 139 1.97 1.60 -4.13
N ASN A 140 0.89 1.96 -4.79
CA ASN A 140 -0.30 1.23 -4.67
C ASN A 140 -0.80 0.60 -5.96
N LEU A 141 0.13 0.15 -6.80
CA LEU A 141 -0.20 -0.41 -8.13
C LEU A 141 -0.77 -1.83 -7.95
N ASN A 142 -2.04 -1.91 -7.56
CA ASN A 142 -2.59 -3.18 -7.07
C ASN A 142 -3.88 -3.67 -7.72
N ASN A 143 -4.32 -3.03 -8.81
CA ASN A 143 -5.62 -3.36 -9.39
C ASN A 143 -5.42 -4.19 -10.63
N ASP A 144 -6.44 -4.29 -11.47
CA ASP A 144 -6.32 -5.13 -12.61
C ASP A 144 -5.31 -4.64 -13.64
N LEU A 145 -4.81 -3.41 -13.53
CA LEU A 145 -3.66 -2.92 -14.36
C LEU A 145 -2.37 -2.95 -13.56
N GLY A 146 -2.44 -2.50 -12.30
CA GLY A 146 -1.29 -2.41 -11.44
C GLY A 146 -0.57 -3.74 -11.26
N VAL A 147 -1.33 -4.79 -11.01
CA VAL A 147 -0.72 -6.12 -10.79
C VAL A 147 0.06 -6.66 -11.98
N PRO A 148 -0.51 -6.67 -13.20
CA PRO A 148 0.31 -7.15 -14.29
C PRO A 148 1.52 -6.22 -14.63
N LEU A 149 1.40 -4.92 -14.38
CA LEU A 149 2.54 -3.99 -14.51
C LEU A 149 3.63 -4.36 -13.52
N THR A 150 3.23 -4.73 -12.31
CA THR A 150 4.22 -5.13 -11.27
C THR A 150 4.86 -6.48 -11.68
N LEU A 151 4.04 -7.42 -12.10
CA LEU A 151 4.56 -8.75 -12.48
C LEU A 151 5.55 -8.61 -13.69
N LEU A 152 5.31 -7.63 -14.55
CA LEU A 152 6.20 -7.34 -15.65
C LEU A 152 7.55 -6.72 -15.25
N GLN A 153 7.67 -6.34 -14.00
CA GLN A 153 8.91 -5.83 -13.47
C GLN A 153 9.77 -6.96 -12.99
N LEU A 154 9.21 -8.15 -12.78
CA LEU A 154 10.02 -9.33 -12.46
C LEU A 154 11.19 -9.46 -13.48
N ALA A 155 12.40 -9.61 -12.96
CA ALA A 155 13.65 -9.49 -13.74
C ALA A 155 14.71 -10.47 -13.18
N PRO A 156 15.77 -10.76 -13.98
CA PRO A 156 16.73 -11.77 -13.63
C PRO A 156 17.42 -11.56 -12.27
N GLN A 157 17.48 -10.34 -11.76
CA GLN A 157 18.11 -10.13 -10.47
C GLN A 157 17.19 -10.47 -9.31
N HIS A 158 15.91 -10.77 -9.53
CA HIS A 158 15.01 -10.94 -8.38
C HIS A 158 15.07 -12.36 -7.91
N ARG A 159 15.01 -12.51 -6.61
CA ARG A 159 15.06 -13.78 -5.91
C ARG A 159 13.76 -14.08 -5.21
N SER A 160 13.00 -13.03 -4.89
CA SER A 160 11.67 -13.20 -4.30
C SER A 160 10.82 -11.96 -4.60
N ALA A 161 9.50 -12.07 -4.34
CA ALA A 161 8.58 -11.03 -4.72
C ALA A 161 7.40 -10.94 -3.77
N VAL A 162 6.92 -9.72 -3.59
CA VAL A 162 5.90 -9.36 -2.64
C VAL A 162 4.88 -8.47 -3.39
N ILE A 163 3.69 -9.02 -3.61
CA ILE A 163 2.74 -8.46 -4.58
C ILE A 163 1.47 -8.09 -3.84
N GLU A 164 1.15 -6.79 -3.84
CA GLU A 164 -0.10 -6.30 -3.28
C GLU A 164 -1.29 -6.52 -4.25
N LEU A 165 -2.38 -7.11 -3.76
CA LEU A 165 -3.58 -7.32 -4.57
C LEU A 165 -4.81 -6.53 -3.96
N GLY A 166 -5.27 -5.53 -4.69
CA GLY A 166 -6.41 -4.73 -4.27
C GLY A 166 -7.70 -5.44 -4.60
N ALA A 167 -8.68 -5.30 -3.71
CA ALA A 167 -10.02 -5.93 -3.88
C ALA A 167 -11.09 -4.88 -3.62
N SER A 168 -11.31 -4.00 -4.58
CA SER A 168 -12.41 -3.04 -4.49
C SER A 168 -13.65 -3.47 -5.30
N ARG A 169 -13.61 -4.64 -5.93
CA ARG A 169 -14.79 -5.19 -6.57
C ARG A 169 -14.71 -6.71 -6.64
N ILE A 170 -15.88 -7.32 -6.72
CA ILE A 170 -15.97 -8.77 -6.84
C ILE A 170 -15.23 -9.23 -8.09
N GLY A 171 -14.40 -10.23 -7.97
CA GLY A 171 -13.84 -10.82 -9.17
C GLY A 171 -12.54 -10.15 -9.62
N GLU A 172 -12.19 -8.99 -9.08
CA GLU A 172 -10.89 -8.35 -9.34
C GLU A 172 -9.76 -9.21 -8.85
N ILE A 173 -9.78 -9.64 -7.60
CA ILE A 173 -8.72 -10.51 -7.08
C ILE A 173 -8.77 -11.88 -7.71
N ALA A 174 -9.97 -12.40 -8.01
CA ALA A 174 -10.08 -13.69 -8.74
C ALA A 174 -9.25 -13.66 -10.01
N TYR A 175 -9.32 -12.54 -10.71
CA TYR A 175 -8.54 -12.29 -11.95
C TYR A 175 -7.02 -12.08 -11.63
N THR A 176 -6.69 -11.13 -10.71
CA THR A 176 -5.29 -10.81 -10.43
C THR A 176 -4.52 -11.93 -9.72
N VAL A 177 -5.16 -12.69 -8.86
CA VAL A 177 -4.48 -13.81 -8.23
C VAL A 177 -4.17 -14.93 -9.19
N GLU A 178 -4.93 -15.03 -10.26
CA GLU A 178 -4.68 -16.07 -11.26
C GLU A 178 -3.46 -15.70 -12.14
N LEU A 179 -3.23 -14.41 -12.34
CA LEU A 179 -1.97 -13.93 -12.95
C LEU A 179 -0.81 -14.12 -12.02
N THR A 180 -1.05 -13.93 -10.71
CA THR A 180 0.05 -13.85 -9.73
C THR A 180 0.51 -15.18 -9.18
N ARG A 181 -0.42 -16.11 -8.94
CA ARG A 181 -0.06 -17.44 -8.39
C ARG A 181 0.96 -17.45 -7.26
N PRO A 182 0.59 -16.88 -6.11
CA PRO A 182 1.50 -16.81 -5.01
C PRO A 182 1.72 -18.16 -4.30
N HIS A 183 2.86 -18.32 -3.69
CA HIS A 183 3.11 -19.42 -2.74
C HIS A 183 2.49 -19.16 -1.34
N VAL A 184 2.36 -17.89 -0.98
CA VAL A 184 1.81 -17.49 0.34
C VAL A 184 0.83 -16.37 0.08
N ALA A 185 -0.35 -16.43 0.70
CA ALA A 185 -1.38 -15.39 0.54
C ALA A 185 -1.81 -14.94 1.93
N ILE A 186 -1.88 -13.64 2.10
CA ILE A 186 -2.28 -13.02 3.35
C ILE A 186 -3.60 -12.28 3.13
N ILE A 187 -4.53 -12.44 4.09
CA ILE A 187 -5.68 -11.52 4.21
C ILE A 187 -5.54 -10.76 5.51
N THR A 188 -5.36 -9.45 5.46
CA THR A 188 -5.22 -8.69 6.73
C THR A 188 -6.49 -8.61 7.53
N ASN A 189 -7.57 -8.30 6.81
CA ASN A 189 -8.88 -8.01 7.39
C ASN A 189 -9.92 -7.74 6.30
N ALA A 190 -11.19 -7.73 6.70
CA ALA A 190 -12.25 -7.17 5.85
C ALA A 190 -13.07 -6.18 6.65
N GLY A 191 -13.32 -4.99 6.12
CA GLY A 191 -14.35 -4.12 6.70
C GLY A 191 -13.88 -3.16 7.78
N THR A 192 -12.66 -2.66 7.69
CA THR A 192 -12.18 -1.63 8.67
C THR A 192 -12.72 -0.18 8.39
N ALA A 193 -12.69 0.72 9.37
CA ALA A 193 -13.29 2.07 9.24
C ALA A 193 -12.71 2.96 8.15
N HIS A 194 -13.53 3.88 7.66
CA HIS A 194 -13.14 4.90 6.66
C HIS A 194 -12.68 4.35 5.32
N VAL A 195 -12.83 3.05 5.03
CA VAL A 195 -12.25 2.48 3.80
C VAL A 195 -13.11 2.72 2.54
N GLY A 199 -19.82 -2.43 -1.49
CA GLY A 199 -20.70 -3.49 -1.95
C GLY A 199 -21.39 -4.28 -0.85
N GLY A 200 -21.24 -3.87 0.40
CA GLY A 200 -21.88 -4.62 1.49
C GLY A 200 -20.96 -5.67 2.14
N PRO A 201 -21.20 -5.95 3.44
CA PRO A 201 -20.19 -6.73 4.14
C PRO A 201 -19.93 -8.11 3.57
N GLU A 202 -20.97 -8.82 3.10
CA GLU A 202 -20.67 -10.16 2.62
C GLU A 202 -19.85 -10.13 1.30
N LYS A 203 -20.13 -9.13 0.48
CA LYS A 203 -19.31 -8.89 -0.73
C LYS A 203 -17.86 -8.62 -0.43
N ILE A 204 -17.59 -7.77 0.57
CA ILE A 204 -16.22 -7.47 1.01
C ILE A 204 -15.47 -8.74 1.47
N VAL A 205 -16.13 -9.56 2.30
CA VAL A 205 -15.55 -10.86 2.73
C VAL A 205 -15.24 -11.83 1.55
N GLU A 206 -16.18 -11.90 0.62
CA GLU A 206 -16.03 -12.76 -0.57
C GLU A 206 -14.92 -12.22 -1.48
N ALA A 207 -14.84 -10.91 -1.65
CA ALA A 207 -13.81 -10.33 -2.51
C ALA A 207 -12.38 -10.62 -1.96
N LYS A 208 -12.16 -10.54 -0.64
CA LYS A 208 -10.84 -10.78 -0.06
C LYS A 208 -10.47 -12.23 -0.15
N GLY A 209 -11.42 -13.09 0.11
CA GLY A 209 -11.26 -14.54 0.07
C GLY A 209 -10.89 -15.12 -1.30
N GLU A 210 -11.18 -14.39 -2.36
CA GLU A 210 -10.79 -14.75 -3.70
C GLU A 210 -9.29 -15.02 -3.81
N ILE A 211 -8.49 -14.39 -2.96
CA ILE A 211 -7.05 -14.64 -2.99
C ILE A 211 -6.73 -16.14 -2.72
N LEU A 212 -7.58 -16.79 -1.96
CA LEU A 212 -7.34 -18.15 -1.56
C LEU A 212 -7.47 -19.14 -2.74
N GLU A 213 -8.14 -18.72 -3.81
CA GLU A 213 -8.39 -19.56 -4.96
C GLU A 213 -7.21 -19.64 -5.89
N GLY A 214 -6.33 -18.65 -5.85
CA GLY A 214 -5.19 -18.64 -6.76
C GLY A 214 -3.97 -19.10 -6.02
N LEU A 215 -4.13 -19.39 -4.76
CA LEU A 215 -3.01 -19.80 -3.98
C LEU A 215 -2.55 -21.13 -4.46
N ALA A 216 -1.22 -21.25 -4.61
CA ALA A 216 -0.55 -22.55 -4.80
C ALA A 216 -1.30 -23.69 -4.11
N ALA A 217 -1.29 -24.89 -4.69
CA ALA A 217 -2.07 -26.03 -4.10
C ALA A 217 -1.71 -26.46 -2.66
N ASP A 218 -0.45 -26.33 -2.26
CA ASP A 218 -0.08 -26.44 -0.84
C ASP A 218 0.61 -25.15 -0.38
N GLY A 219 0.11 -24.05 -0.91
CA GLY A 219 0.51 -22.74 -0.52
C GLY A 219 -0.07 -22.45 0.82
N THR A 220 0.61 -21.60 1.57
CA THR A 220 0.19 -21.19 2.87
C THR A 220 -0.72 -19.99 2.79
N ALA A 221 -1.86 -20.16 3.49
CA ALA A 221 -2.77 -19.04 3.81
C ALA A 221 -2.42 -18.41 5.18
N VAL A 222 -2.27 -17.09 5.23
CA VAL A 222 -2.07 -16.36 6.46
C VAL A 222 -3.35 -15.57 6.79
N LEU A 223 -4.01 -15.95 7.91
CA LEU A 223 -5.37 -15.44 8.25
C LEU A 223 -5.42 -14.86 9.64
N ASN A 224 -6.27 -13.84 9.76
CA ASN A 224 -6.49 -13.12 10.99
C ASN A 224 -7.57 -13.81 11.82
N LEU A 225 -7.13 -14.39 12.90
CA LEU A 225 -8.02 -15.15 13.78
C LEU A 225 -9.01 -14.25 14.52
N ASP A 226 -8.76 -12.94 14.56
CA ASP A 226 -9.68 -12.04 15.26
C ASP A 226 -10.84 -11.60 14.39
N ASP A 227 -10.75 -11.85 13.07
CA ASP A 227 -11.69 -11.26 12.13
C ASP A 227 -12.93 -12.13 12.15
N LYS A 228 -14.09 -11.50 12.01
CA LYS A 228 -15.34 -12.23 12.07
C LYS A 228 -15.48 -13.15 10.89
N ALA A 229 -14.71 -12.92 9.80
CA ALA A 229 -14.80 -13.76 8.59
C ALA A 229 -13.82 -14.94 8.61
N PHE A 230 -13.15 -15.10 9.71
CA PHE A 230 -12.16 -16.13 9.80
C PHE A 230 -12.69 -17.49 9.39
N ASP A 231 -13.88 -17.88 9.90
CA ASP A 231 -14.32 -19.26 9.63
C ASP A 231 -14.65 -19.44 8.16
N THR A 232 -15.17 -18.42 7.51
CA THR A 232 -15.43 -18.51 6.05
C THR A 232 -14.10 -18.67 5.24
N TRP A 233 -13.12 -17.85 5.59
CA TRP A 233 -11.79 -17.89 4.94
C TRP A 233 -11.10 -19.23 5.19
N LYS A 234 -11.25 -19.75 6.40
CA LYS A 234 -10.66 -21.06 6.69
C LYS A 234 -11.25 -22.19 5.86
N ALA A 235 -12.57 -22.18 5.66
CA ALA A 235 -13.21 -23.15 4.82
C ALA A 235 -12.73 -23.05 3.38
N ARG A 236 -12.67 -21.83 2.87
CA ARG A 236 -12.29 -21.58 1.48
C ARG A 236 -10.83 -21.94 1.23
N ALA A 237 -9.99 -21.85 2.26
CA ALA A 237 -8.61 -22.26 2.14
C ALA A 237 -8.43 -23.78 1.95
N SER A 238 -9.49 -24.54 2.17
CA SER A 238 -9.55 -25.96 1.82
C SER A 238 -8.38 -26.72 2.40
N GLY A 239 -7.60 -27.41 1.56
CA GLY A 239 -6.50 -28.24 2.13
C GLY A 239 -5.30 -27.52 2.78
N ARG A 240 -5.12 -26.24 2.47
CA ARG A 240 -3.81 -25.63 2.44
C ARG A 240 -3.18 -25.43 3.83
N PRO A 241 -1.84 -25.46 3.93
CA PRO A 241 -1.28 -25.07 5.20
C PRO A 241 -1.77 -23.66 5.60
N LEU A 242 -1.96 -23.49 6.91
CA LEU A 242 -2.52 -22.28 7.46
C LEU A 242 -1.64 -21.78 8.60
N LEU A 243 -1.45 -20.48 8.67
CA LEU A 243 -0.80 -19.81 9.78
C LEU A 243 -1.77 -18.69 10.20
N THR A 244 -2.04 -18.58 11.49
CA THR A 244 -2.97 -17.61 11.98
C THR A 244 -2.24 -16.59 12.85
N PHE A 245 -2.78 -15.37 12.86
CA PHE A 245 -2.29 -14.35 13.76
C PHE A 245 -3.40 -13.71 14.56
N SER A 246 -3.04 -13.12 15.69
CA SER A 246 -4.04 -12.63 16.65
C SER A 246 -3.39 -11.74 17.69
N LEU A 247 -4.12 -10.72 18.13
CA LEU A 247 -3.70 -9.89 19.28
C LEU A 247 -4.35 -10.36 20.59
N ASP A 248 -5.22 -11.36 20.53
CA ASP A 248 -6.15 -11.72 21.61
C ASP A 248 -6.09 -13.18 22.02
N ARG A 249 -5.67 -14.05 21.11
CA ARG A 249 -5.89 -15.48 21.29
C ARG A 249 -4.59 -16.23 21.46
N PRO A 250 -4.44 -16.98 22.59
CA PRO A 250 -3.24 -17.73 22.85
C PRO A 250 -2.99 -18.89 21.86
N GLN A 251 -4.01 -19.37 21.16
CA GLN A 251 -3.80 -20.50 20.26
C GLN A 251 -3.40 -20.09 18.81
N ALA A 252 -3.32 -18.78 18.52
CA ALA A 252 -2.82 -18.39 17.21
C ALA A 252 -1.34 -18.74 17.03
N ASP A 253 -0.93 -18.91 15.79
CA ASP A 253 0.47 -19.24 15.46
C ASP A 253 1.40 -18.06 15.74
N PHE A 254 0.89 -16.84 15.53
CA PHE A 254 1.67 -15.60 15.73
C PHE A 254 0.85 -14.69 16.63
N ARG A 255 1.46 -14.24 17.72
CA ARG A 255 0.78 -13.50 18.79
C ARG A 255 1.69 -12.40 19.24
N ALA A 256 1.08 -11.37 19.81
CA ALA A 256 1.80 -10.25 20.39
C ALA A 256 1.43 -10.10 21.86
N ALA A 257 2.44 -10.04 22.71
CA ALA A 257 2.22 -9.73 24.13
C ALA A 257 2.80 -8.38 24.49
N ASP A 258 2.28 -7.82 25.58
CA ASP A 258 2.91 -6.72 26.31
C ASP A 258 3.08 -5.55 25.37
N LEU A 259 2.03 -5.15 24.69
CA LEU A 259 2.07 -4.00 23.86
C LEU A 259 2.45 -2.70 24.65
N GLN A 260 3.34 -1.87 24.10
CA GLN A 260 3.83 -0.67 24.79
C GLN A 260 4.21 0.34 23.75
N ARG A 261 4.02 1.64 24.00
CA ARG A 261 4.54 2.69 23.13
C ARG A 261 5.87 3.13 23.67
N ASP A 262 6.80 3.50 22.80
CA ASP A 262 8.02 4.18 23.25
C ASP A 262 7.73 5.70 23.42
N ALA A 263 8.73 6.51 23.71
CA ALA A 263 8.51 7.93 23.99
C ALA A 263 7.92 8.66 22.78
N ARG A 264 8.27 8.20 21.57
CA ARG A 264 7.72 8.75 20.30
C ARG A 264 6.28 8.45 20.09
N GLY A 265 5.79 7.42 20.79
CA GLY A 265 4.47 6.88 20.55
C GLY A 265 4.47 5.58 19.71
N CYS A 266 5.61 5.22 19.15
CA CYS A 266 5.75 4.02 18.28
C CYS A 266 5.56 2.71 19.07
N MET A 267 4.93 1.72 18.43
CA MET A 267 4.58 0.45 19.11
C MET A 267 5.70 -0.55 19.23
N GLY A 268 5.77 -1.16 20.41
CA GLY A 268 6.67 -2.24 20.69
C GLY A 268 5.86 -3.32 21.31
N PHE A 269 6.34 -4.56 21.20
CA PHE A 269 5.62 -5.70 21.65
C PHE A 269 6.56 -6.88 21.78
N ARG A 270 6.11 -7.91 22.44
CA ARG A 270 6.82 -9.21 22.41
C ARG A 270 6.15 -10.12 21.41
N LEU A 271 6.90 -10.46 20.39
CA LEU A 271 6.42 -11.49 19.45
C LEU A 271 6.42 -12.85 20.14
N GLN A 272 5.36 -13.63 19.94
CA GLN A 272 5.26 -14.98 20.42
C GLN A 272 4.63 -15.88 19.39
N GLY A 273 4.91 -17.17 19.53
CA GLY A 273 4.33 -18.20 18.65
C GLY A 273 5.37 -19.10 18.02
N VAL A 274 5.04 -19.59 16.83
CA VAL A 274 5.75 -20.70 16.27
C VAL A 274 7.12 -20.25 15.69
N ALA A 275 7.37 -18.94 15.51
CA ALA A 275 8.74 -18.55 15.10
C ALA A 275 9.68 -18.37 16.29
N GLY A 276 9.13 -18.38 17.49
CA GLY A 276 9.87 -18.11 18.71
C GLY A 276 9.42 -16.78 19.31
N GLU A 277 10.13 -16.35 20.32
CA GLU A 277 9.75 -15.20 21.11
C GLU A 277 10.84 -14.15 20.99
N ALA A 278 10.44 -12.89 20.83
CA ALA A 278 11.41 -11.79 20.88
C ALA A 278 10.72 -10.46 21.06
N GLN A 279 11.48 -9.48 21.52
CA GLN A 279 10.98 -8.11 21.65
C GLN A 279 11.12 -7.44 20.31
N VAL A 280 10.10 -6.71 19.93
CA VAL A 280 10.14 -5.95 18.68
C VAL A 280 9.72 -4.49 18.96
N GLN A 281 10.52 -3.56 18.49
CA GLN A 281 10.19 -2.12 18.58
C GLN A 281 9.96 -1.64 17.15
N LEU A 282 8.72 -1.34 16.80
CA LEU A 282 8.44 -0.79 15.47
C LEU A 282 8.76 0.73 15.43
N ASN A 283 8.83 1.26 14.24
CA ASN A 283 8.96 2.74 14.06
C ASN A 283 7.67 3.35 13.59
N LEU A 284 6.57 2.66 13.89
CA LEU A 284 5.25 3.01 13.44
C LEU A 284 4.36 3.13 14.62
N LEU A 285 3.38 4.00 14.42
CA LEU A 285 2.23 4.23 15.34
C LEU A 285 1.05 3.30 15.11
N GLY A 286 0.40 2.91 16.20
CA GLY A 286 -0.93 2.32 16.14
C GLY A 286 -0.96 0.85 16.38
N ARG A 287 -1.97 0.41 17.11
CA ARG A 287 -2.05 -0.97 17.50
C ARG A 287 -2.25 -1.82 16.24
N HIS A 288 -2.99 -1.28 15.28
CA HIS A 288 -3.20 -2.01 14.03
C HIS A 288 -1.87 -2.43 13.36
N ASN A 289 -0.78 -1.71 13.62
CA ASN A 289 0.48 -2.00 12.97
C ASN A 289 1.17 -3.21 13.65
N VAL A 290 0.78 -3.52 14.89
CA VAL A 290 1.19 -4.74 15.55
C VAL A 290 0.56 -5.96 14.80
N ALA A 291 -0.72 -5.88 14.52
CA ALA A 291 -1.39 -6.95 13.72
C ALA A 291 -0.70 -7.09 12.31
N ASN A 292 -0.38 -5.97 11.66
CA ASN A 292 0.34 -5.97 10.40
C ASN A 292 1.71 -6.67 10.54
N ALA A 293 2.45 -6.34 11.59
CA ALA A 293 3.70 -7.03 11.87
C ALA A 293 3.57 -8.53 12.06
N LEU A 294 2.52 -8.99 12.74
CA LEU A 294 2.31 -10.41 12.92
C LEU A 294 2.00 -11.11 11.59
N ALA A 295 1.18 -10.48 10.75
CA ALA A 295 0.91 -11.03 9.43
C ALA A 295 2.17 -11.16 8.57
N ALA A 296 3.01 -10.11 8.57
CA ALA A 296 4.29 -10.14 7.84
C ALA A 296 5.25 -11.23 8.40
N ALA A 297 5.35 -11.30 9.71
CA ALA A 297 6.12 -12.31 10.40
C ALA A 297 5.68 -13.74 10.01
N ALA A 298 4.38 -13.95 9.91
CA ALA A 298 3.84 -15.24 9.53
C ALA A 298 4.23 -15.60 8.13
N ALA A 299 4.03 -14.66 7.22
CA ALA A 299 4.47 -14.90 5.86
C ALA A 299 5.96 -15.16 5.77
N ALA A 300 6.75 -14.32 6.44
CA ALA A 300 8.19 -14.49 6.39
C ALA A 300 8.55 -15.85 6.93
N HIS A 301 7.98 -16.23 8.07
CA HIS A 301 8.20 -17.60 8.58
C HIS A 301 7.86 -18.67 7.53
N ALA A 302 6.74 -18.54 6.82
CA ALA A 302 6.35 -19.53 5.79
C ALA A 302 7.36 -19.64 4.71
N LEU A 303 8.02 -18.52 4.42
CA LEU A 303 9.03 -18.46 3.42
C LEU A 303 10.38 -18.92 3.97
N GLY A 304 10.53 -19.27 5.23
CA GLY A 304 11.82 -19.82 5.65
C GLY A 304 12.70 -18.78 6.39
N VAL A 305 12.21 -17.56 6.60
CA VAL A 305 13.03 -16.57 7.32
C VAL A 305 13.15 -16.90 8.79
N PRO A 306 14.38 -16.97 9.32
CA PRO A 306 14.48 -17.15 10.79
C PRO A 306 14.03 -15.96 11.62
N LEU A 307 13.82 -16.23 12.89
CA LEU A 307 13.42 -15.20 13.83
C LEU A 307 14.26 -13.93 13.80
N ASP A 308 15.59 -13.99 13.76
N ASP A 308 15.58 -14.04 13.73
CA ASP A 308 16.35 -12.74 13.84
CA ASP A 308 16.42 -12.85 13.80
C ASP A 308 16.24 -11.94 12.55
C ASP A 308 16.20 -11.98 12.58
N GLY A 309 15.91 -12.61 11.45
CA GLY A 309 15.59 -11.89 10.19
C GLY A 309 14.26 -11.15 10.26
N ILE A 310 13.27 -11.78 10.89
CA ILE A 310 11.94 -11.20 11.08
C ILE A 310 12.06 -9.96 11.96
N VAL A 311 12.74 -10.12 13.11
CA VAL A 311 12.89 -9.02 14.05
C VAL A 311 13.64 -7.83 13.43
N ALA A 312 14.80 -8.09 12.85
CA ALA A 312 15.58 -7.07 12.24
C ALA A 312 14.81 -6.35 11.11
N GLY A 313 14.11 -7.10 10.28
CA GLY A 313 13.33 -6.51 9.22
C GLY A 313 12.19 -5.61 9.67
N LEU A 314 11.53 -6.02 10.73
CA LEU A 314 10.46 -5.23 11.29
C LEU A 314 10.98 -3.95 11.94
N GLN A 315 12.14 -4.01 12.60
CA GLN A 315 12.72 -2.91 13.30
C GLN A 315 13.40 -1.97 12.36
N ALA A 316 13.85 -2.45 11.19
CA ALA A 316 14.52 -1.59 10.20
C ALA A 316 13.54 -0.75 9.40
N LEU A 317 12.26 -1.15 9.35
CA LEU A 317 11.31 -0.38 8.53
C LEU A 317 11.00 1.01 9.14
N GLN A 318 11.15 2.04 8.32
CA GLN A 318 10.89 3.46 8.70
C GLN A 318 9.63 3.96 8.04
N PRO A 319 8.90 4.90 8.66
CA PRO A 319 7.73 5.44 7.96
C PRO A 319 8.15 6.32 6.78
N VAL A 320 7.28 6.44 5.80
CA VAL A 320 7.51 7.26 4.59
C VAL A 320 7.51 8.74 5.04
N LYS A 321 8.32 9.63 4.46
CA LYS A 321 8.41 11.03 4.96
C LYS A 321 7.03 11.68 4.88
N GLY A 322 6.66 12.40 5.94
CA GLY A 322 5.35 13.02 6.03
C GLY A 322 4.17 12.08 6.12
N ARG A 323 4.41 10.77 6.34
CA ARG A 323 3.31 9.81 6.53
C ARG A 323 3.32 9.21 7.94
N ALA A 324 2.69 9.89 8.88
CA ALA A 324 2.67 9.51 10.28
C ALA A 324 4.08 9.20 10.81
N VAL A 325 5.02 10.11 10.61
CA VAL A 325 6.32 10.01 11.25
C VAL A 325 6.29 10.63 12.68
N ALA A 326 6.50 9.79 13.69
CA ALA A 326 6.45 10.23 15.07
C ALA A 326 7.83 10.66 15.47
N GLN A 327 7.92 11.85 16.03
CA GLN A 327 9.18 12.24 16.58
C GLN A 327 8.99 12.99 17.86
N LEU A 328 10.11 13.10 18.53
CA LEU A 328 10.20 13.65 19.83
C LEU A 328 11.11 14.85 19.70
N THR A 329 10.69 16.02 20.17
CA THR A 329 11.55 17.19 20.15
C THR A 329 12.47 17.16 21.40
N ALA A 330 13.45 18.04 21.42
CA ALA A 330 14.37 18.12 22.55
C ALA A 330 13.64 18.69 23.76
N SER A 331 12.55 19.43 23.53
CA SER A 331 11.68 19.86 24.59
C SER A 331 10.76 18.76 25.11
N GLY A 332 10.78 17.55 24.53
CA GLY A 332 9.93 16.49 25.05
C GLY A 332 8.53 16.49 24.48
N LEU A 333 8.29 17.30 23.46
CA LEU A 333 7.03 17.29 22.72
C LEU A 333 7.02 16.08 21.72
N ARG A 334 5.87 15.42 21.61
CA ARG A 334 5.61 14.43 20.63
C ARG A 334 4.95 15.11 19.44
N VAL A 335 5.64 15.05 18.31
CA VAL A 335 5.09 15.60 17.08
C VAL A 335 4.99 14.47 16.02
N ILE A 336 3.77 14.29 15.50
CA ILE A 336 3.48 13.35 14.46
C ILE A 336 3.32 14.11 13.16
N ASP A 337 4.29 13.88 12.28
CA ASP A 337 4.34 14.50 11.00
C ASP A 337 3.55 13.69 9.97
N ASP A 338 2.40 14.18 9.64
CA ASP A 338 1.58 13.58 8.63
C ASP A 338 1.27 14.66 7.57
N SER A 339 2.26 15.53 7.34
CA SER A 339 2.05 16.74 6.54
C SER A 339 2.12 16.48 5.04
N TYR A 340 2.37 15.24 4.61
CA TYR A 340 2.64 15.05 3.19
C TYR A 340 1.38 15.34 2.35
N ASN A 341 0.27 14.71 2.71
CA ASN A 341 -0.96 14.93 1.97
C ASN A 341 -2.11 14.51 2.84
N ALA A 342 -3.32 14.75 2.34
CA ALA A 342 -4.51 14.56 3.11
C ALA A 342 -5.74 14.47 2.20
N ASN A 343 -6.65 13.55 2.51
CA ASN A 343 -8.03 13.59 2.00
C ASN A 343 -8.92 13.24 3.16
N PRO A 344 -10.22 13.42 2.99
CA PRO A 344 -11.09 13.29 4.19
C PRO A 344 -10.94 11.94 4.89
N ALA A 345 -10.91 10.87 4.12
CA ALA A 345 -10.72 9.57 4.70
C ALA A 345 -9.36 9.51 5.50
N SER A 346 -8.28 10.03 4.93
CA SER A 346 -6.99 10.00 5.62
C SER A 346 -7.00 10.93 6.84
N MET A 347 -7.85 11.98 6.81
CA MET A 347 -7.97 12.83 7.96
C MET A 347 -8.56 12.06 9.13
N LEU A 348 -9.61 11.29 8.87
CA LEU A 348 -10.25 10.52 9.93
C LEU A 348 -9.32 9.47 10.46
N ALA A 349 -8.57 8.79 9.59
CA ALA A 349 -7.59 7.83 10.08
C ALA A 349 -6.56 8.52 11.00
N ALA A 350 -6.16 9.75 10.66
CA ALA A 350 -5.21 10.54 11.47
C ALA A 350 -5.76 10.84 12.86
N ILE A 351 -6.96 11.39 12.89
CA ILE A 351 -7.65 11.67 14.13
C ILE A 351 -7.79 10.42 15.06
N ASP A 352 -8.00 9.24 14.48
CA ASP A 352 -8.11 8.00 15.25
C ASP A 352 -6.77 7.72 15.90
N ILE A 353 -5.68 7.84 15.14
CA ILE A 353 -4.34 7.65 15.68
C ILE A 353 -4.07 8.59 16.86
N LEU A 354 -4.43 9.86 16.69
CA LEU A 354 -4.18 10.87 17.72
C LEU A 354 -5.04 10.59 18.93
N SER A 355 -6.30 10.19 18.74
CA SER A 355 -7.15 9.96 19.93
C SER A 355 -6.64 8.77 20.78
N GLY A 356 -5.86 7.87 20.19
CA GLY A 356 -5.19 6.80 20.94
C GLY A 356 -4.26 7.24 22.06
N PHE A 357 -3.72 8.45 21.99
CA PHE A 357 -2.81 8.97 23.03
C PHE A 357 -3.61 9.47 24.26
N SER A 358 -3.09 9.31 25.47
CA SER A 358 -3.87 9.61 26.70
C SER A 358 -3.77 11.03 27.35
N GLY A 359 -2.67 11.75 27.20
CA GLY A 359 -2.59 13.11 27.73
C GLY A 359 -3.20 14.10 26.72
N ARG A 360 -2.74 15.34 26.74
CA ARG A 360 -3.30 16.38 25.90
C ARG A 360 -2.94 16.09 24.46
N THR A 361 -3.95 16.19 23.59
CA THR A 361 -3.74 15.94 22.17
C THR A 361 -4.13 17.17 21.38
N VAL A 362 -3.25 17.60 20.47
CA VAL A 362 -3.54 18.78 19.63
C VAL A 362 -3.50 18.43 18.16
N LEU A 363 -4.65 18.52 17.49
CA LEU A 363 -4.68 18.25 16.07
C LEU A 363 -4.37 19.56 15.33
N VAL A 364 -3.41 19.53 14.40
CA VAL A 364 -2.96 20.75 13.70
C VAL A 364 -3.18 20.60 12.21
N LEU A 365 -4.10 21.39 11.65
CA LEU A 365 -4.51 21.10 10.30
C LEU A 365 -4.34 22.25 9.35
N GLY A 366 -3.96 21.92 8.11
CA GLY A 366 -4.11 22.85 6.98
C GLY A 366 -5.18 22.35 6.01
N ASP A 367 -5.59 23.19 5.06
CA ASP A 367 -6.65 22.84 4.11
C ASP A 367 -6.39 21.63 3.25
N MET A 368 -7.46 20.89 2.92
CA MET A 368 -7.43 19.81 1.95
C MET A 368 -7.73 20.46 0.59
N GLY A 369 -7.12 19.97 -0.47
CA GLY A 369 -7.23 20.65 -1.79
C GLY A 369 -8.05 19.88 -2.78
N ALA A 375 -15.71 20.67 -1.13
CA ALA A 375 -14.66 21.16 -0.24
C ALA A 375 -15.24 21.53 1.13
N GLU A 376 -16.28 22.37 1.14
CA GLU A 376 -16.89 22.79 2.43
C GLU A 376 -17.47 21.62 3.30
N GLN A 377 -18.29 20.77 2.71
CA GLN A 377 -18.85 19.64 3.50
C GLN A 377 -17.72 18.83 4.17
N ALA A 378 -16.67 18.53 3.41
CA ALA A 378 -15.62 17.61 3.85
C ALA A 378 -14.90 18.17 5.12
N HIS A 379 -14.59 19.46 5.08
CA HIS A 379 -13.88 20.13 6.16
C HIS A 379 -14.77 20.10 7.37
N ARG A 380 -16.04 20.27 7.05
CA ARG A 380 -17.13 20.33 7.99
C ARG A 380 -17.18 19.01 8.76
N GLU A 381 -17.28 17.92 8.00
CA GLU A 381 -17.29 16.52 8.55
C GLU A 381 -15.95 16.16 9.26
N VAL A 382 -14.80 16.59 8.73
CA VAL A 382 -13.53 16.37 9.46
C VAL A 382 -13.53 17.00 10.87
N GLY A 383 -13.88 18.28 10.99
CA GLY A 383 -13.91 18.90 12.33
C GLY A 383 -14.89 18.21 13.28
N ALA A 384 -16.09 17.90 12.77
CA ALA A 384 -17.10 17.17 13.54
C ALA A 384 -16.59 15.82 14.05
N TYR A 385 -15.93 15.05 13.20
CA TYR A 385 -15.42 13.78 13.62
C TYR A 385 -14.40 13.96 14.75
N ALA A 386 -13.63 15.06 14.76
CA ALA A 386 -12.57 15.25 15.78
C ALA A 386 -13.16 15.59 17.12
N ALA A 387 -14.33 16.20 17.11
CA ALA A 387 -14.95 16.78 18.32
C ALA A 387 -15.19 15.67 19.34
N GLY A 388 -14.89 15.94 20.61
CA GLY A 388 -14.87 14.90 21.63
C GLY A 388 -13.77 13.85 21.56
N LYS A 389 -12.93 13.85 20.51
CA LYS A 389 -11.87 12.86 20.41
C LYS A 389 -10.42 13.34 20.69
N VAL A 390 -10.15 14.64 20.61
CA VAL A 390 -8.81 15.15 20.87
C VAL A 390 -8.98 16.39 21.71
N SER A 391 -7.95 16.85 22.41
CA SER A 391 -8.14 17.98 23.34
C SER A 391 -8.37 19.30 22.59
N ALA A 392 -7.80 19.45 21.38
CA ALA A 392 -7.86 20.74 20.66
C ALA A 392 -7.60 20.58 19.18
N LEU A 393 -8.13 21.51 18.40
CA LEU A 393 -7.90 21.57 16.99
C LEU A 393 -7.38 22.98 16.67
N TYR A 394 -6.13 23.06 16.18
CA TYR A 394 -5.55 24.30 15.62
C TYR A 394 -5.45 24.19 14.13
N ALA A 395 -5.92 25.20 13.41
CA ALA A 395 -5.93 25.13 11.96
C ALA A 395 -5.60 26.45 11.24
N VAL A 396 -5.21 26.28 9.98
CA VAL A 396 -4.88 27.40 9.14
C VAL A 396 -5.50 27.12 7.81
N GLY A 397 -5.92 28.17 7.11
CA GLY A 397 -6.48 28.00 5.79
C GLY A 397 -7.98 28.33 5.83
N PRO A 398 -8.53 28.83 4.71
CA PRO A 398 -9.94 29.26 4.78
C PRO A 398 -10.93 28.11 4.84
N LEU A 399 -10.68 26.99 4.15
CA LEU A 399 -11.58 25.88 4.23
C LEU A 399 -11.56 25.33 5.64
N MET A 400 -10.41 25.39 6.30
CA MET A 400 -10.29 24.86 7.67
C MET A 400 -11.07 25.68 8.69
N ALA A 401 -11.51 26.88 8.29
CA ALA A 401 -12.46 27.65 9.13
C ALA A 401 -13.75 26.82 9.38
N HIS A 402 -14.18 26.04 8.41
CA HIS A 402 -15.37 25.18 8.58
C HIS A 402 -15.09 24.02 9.55
N ALA A 403 -13.86 23.52 9.59
CA ALA A 403 -13.56 22.41 10.47
C ALA A 403 -13.54 22.90 11.92
N VAL A 404 -12.99 24.09 12.12
CA VAL A 404 -12.86 24.57 13.48
C VAL A 404 -14.26 24.76 14.10
N GLN A 405 -15.18 25.33 13.31
CA GLN A 405 -16.55 25.57 13.77
C GLN A 405 -17.18 24.26 14.16
N ALA A 406 -17.06 23.23 13.33
CA ALA A 406 -17.69 21.94 13.62
C ALA A 406 -17.02 21.22 14.82
N PHE A 407 -15.73 21.52 15.05
CA PHE A 407 -14.99 20.90 16.16
C PHE A 407 -15.47 21.38 17.52
N GLY A 408 -15.74 22.66 17.67
CA GLY A 408 -16.15 23.13 18.97
C GLY A 408 -15.29 24.17 19.62
N ALA A 409 -15.44 24.28 20.94
CA ALA A 409 -14.92 25.40 21.75
C ALA A 409 -13.41 25.50 21.92
N THR A 410 -12.69 24.38 22.04
CA THR A 410 -11.23 24.46 22.17
C THR A 410 -10.48 24.48 20.80
N GLY A 411 -11.21 24.81 19.74
CA GLY A 411 -10.71 24.78 18.37
C GLY A 411 -10.30 26.21 18.11
N ARG A 412 -9.21 26.42 17.34
CA ARG A 412 -8.65 27.74 17.09
C ARG A 412 -8.24 27.80 15.63
N HIS A 413 -8.75 28.77 14.88
CA HIS A 413 -8.27 29.09 13.54
C HIS A 413 -7.21 30.16 13.60
N PHE A 414 -6.20 30.04 12.73
CA PHE A 414 -5.08 30.96 12.67
C PHE A 414 -5.00 31.62 11.29
N ALA A 415 -4.59 32.90 11.27
CA ALA A 415 -4.41 33.66 10.01
C ALA A 415 -3.23 33.17 9.15
N ASP A 416 -2.12 32.82 9.78
CA ASP A 416 -1.04 32.20 9.02
C ASP A 416 -0.29 31.17 9.91
N GLN A 417 0.67 30.47 9.30
CA GLN A 417 1.38 29.41 10.03
C GLN A 417 2.19 30.01 11.14
N ALA A 418 2.63 31.25 10.90
CA ALA A 418 3.49 31.92 11.87
C ALA A 418 2.82 32.06 13.23
N SER A 419 1.57 32.47 13.26
CA SER A 419 0.86 32.49 14.54
C SER A 419 0.49 31.09 15.02
N LEU A 420 0.22 30.16 14.11
CA LEU A 420 0.03 28.77 14.57
C LEU A 420 1.28 28.26 15.36
N ILE A 421 2.46 28.44 14.77
CA ILE A 421 3.72 28.01 15.41
C ILE A 421 3.94 28.64 16.79
N GLY A 422 3.75 29.95 16.89
CA GLY A 422 3.84 30.61 18.19
C GLY A 422 2.89 29.99 19.23
N ALA A 423 1.68 29.65 18.83
CA ALA A 423 0.80 28.93 19.77
C ALA A 423 1.42 27.57 20.20
N LEU A 424 1.91 26.79 19.24
CA LEU A 424 2.43 25.44 19.56
C LEU A 424 3.71 25.44 20.42
N ALA A 425 4.56 26.44 20.22
CA ALA A 425 5.69 26.73 21.14
C ALA A 425 5.34 26.76 22.64
N THR A 426 4.08 26.73 23.00
CA THR A 426 3.67 26.86 24.39
C THR A 426 3.35 25.51 25.01
N GLU A 427 3.21 24.49 24.17
CA GLU A 427 2.76 23.17 24.64
C GLU A 427 3.89 22.49 25.41
N ASP A 428 3.53 21.72 26.43
CA ASP A 428 4.47 21.03 27.32
C ASP A 428 4.55 19.53 27.00
N PRO A 429 5.60 18.86 27.54
CA PRO A 429 5.81 17.42 27.45
C PRO A 429 4.62 16.68 27.99
N THR A 430 4.39 15.49 27.44
CA THR A 430 3.18 14.68 27.60
C THR A 430 2.13 15.11 26.58
N THR A 431 2.28 16.27 25.94
CA THR A 431 1.38 16.59 24.79
C THR A 431 1.85 15.90 23.50
N THR A 432 0.87 15.44 22.71
CA THR A 432 1.05 14.90 21.39
C THR A 432 0.37 15.82 20.37
N ILE A 433 1.09 16.12 19.32
CA ILE A 433 0.62 17.03 18.33
C ILE A 433 0.62 16.27 17.03
N LEU A 434 -0.45 16.35 16.27
CA LEU A 434 -0.44 15.73 14.92
C LEU A 434 -0.69 16.77 13.81
N ILE A 435 0.18 16.81 12.80
CA ILE A 435 0.19 17.89 11.80
C ILE A 435 -0.10 17.29 10.45
N LYS A 436 -1.14 17.80 9.78
CA LYS A 436 -1.64 17.28 8.55
C LYS A 436 -2.36 18.33 7.71
N GLY A 437 -2.26 18.16 6.40
CA GLY A 437 -2.79 19.11 5.42
C GLY A 437 -2.52 18.55 4.02
N SER A 438 -3.18 19.08 3.01
CA SER A 438 -2.83 18.69 1.64
C SER A 438 -1.44 19.26 1.32
N ARG A 439 -0.80 18.71 0.30
CA ARG A 439 0.52 19.12 -0.12
C ARG A 439 0.53 20.62 -0.29
N SER A 440 -0.52 21.14 -0.90
CA SER A 440 -0.67 22.61 -1.09
C SER A 440 -0.71 23.42 0.17
N ALA A 441 -1.08 22.84 1.32
CA ALA A 441 -1.04 23.62 2.57
C ALA A 441 0.39 23.77 3.14
N ALA A 442 1.36 23.01 2.63
CA ALA A 442 2.75 23.08 3.12
C ALA A 442 2.91 23.01 4.68
N MET A 443 2.23 22.05 5.32
CA MET A 443 2.24 21.98 6.76
C MET A 443 3.55 21.40 7.29
N ASP A 444 4.39 20.87 6.40
CA ASP A 444 5.79 20.53 6.72
C ASP A 444 6.59 21.72 7.28
N LYS A 445 6.21 22.94 6.93
CA LYS A 445 6.89 24.13 7.47
C LYS A 445 6.59 24.27 8.94
N VAL A 446 5.41 23.82 9.38
CA VAL A 446 5.10 23.86 10.78
C VAL A 446 5.94 22.80 11.49
N VAL A 447 5.95 21.58 10.92
CA VAL A 447 6.82 20.50 11.42
C VAL A 447 8.27 20.94 11.59
N ALA A 448 8.85 21.51 10.55
CA ALA A 448 10.26 21.95 10.60
C ALA A 448 10.48 22.94 11.72
N ALA A 449 9.52 23.86 11.93
CA ALA A 449 9.66 24.88 12.95
C ALA A 449 9.66 24.31 14.34
N LEU A 450 9.00 23.19 14.56
CA LEU A 450 9.03 22.57 15.90
C LEU A 450 10.13 21.59 16.13
N CYS A 451 10.55 20.91 15.07
CA CYS A 451 11.48 19.80 15.19
C CYS A 451 12.86 20.16 14.61
N ALA B . -3.83 2.85 -12.29
CA ALA B . -3.33 1.50 -12.00
C ALA B . -3.26 1.27 -10.44
O ALA B . -3.06 0.14 -9.97
CB ALA B . -1.99 1.33 -12.74
N1 UDP C . -2.08 8.58 -21.48
C2 UDP C . -0.94 8.69 -22.23
N3 UDP C . -0.42 9.92 -22.49
C4 UDP C . -1.05 11.08 -22.02
C5 UDP C . -2.21 10.98 -21.28
C6 UDP C . -2.71 9.72 -20.98
O2 UDP C . -0.35 7.73 -22.68
O4 UDP C . -0.54 12.19 -22.27
C1' UDP C . -2.66 7.26 -21.16
C2' UDP C . -2.64 7.04 -19.66
O2' UDP C . -1.37 6.63 -19.16
C3' UDP C . -3.67 5.98 -19.53
C4' UDP C . -4.62 6.30 -20.74
O4' UDP C . -4.06 7.40 -21.40
O3' UDP C . -3.15 4.69 -19.71
C5' UDP C . -6.01 6.72 -20.19
O5' UDP C . -5.77 7.80 -19.34
PA UDP C . -6.86 8.10 -18.21
O1A UDP C . -8.14 8.46 -19.01
O2A UDP C . -7.17 6.85 -17.40
O3A UDP C . -6.45 9.34 -17.39
PB UDP C . -5.07 9.72 -16.65
O1B UDP C . -3.84 9.73 -17.59
O3B UDP C . -5.13 10.91 -15.87
C1 MUB D . -3.50 7.69 -15.67
C2 MUB D . -3.75 6.29 -15.04
C3 MUB D . -4.20 6.48 -13.61
C4 MUB D . -3.15 7.33 -12.95
C5 MUB D . -3.09 8.67 -13.68
C6 MUB D . -2.21 9.62 -12.91
C7 MUB D . -4.59 4.33 -16.26
C8 MUB D . -5.67 3.76 -17.16
C9 MUB D . -5.46 4.57 -12.80
C10 MUB D . -5.13 3.08 -12.48
C11 MUB D . -6.39 5.17 -11.73
O1 MUB D . -4.72 8.46 -15.59
O3 MUB D . -4.23 5.30 -12.83
O4 MUB D . -3.53 7.54 -11.65
O5 MUB D . -2.54 8.43 -14.98
O6 MUB D . -0.91 9.14 -13.14
O7 MUB D . -3.76 3.60 -15.74
O10 MUB D . -5.98 2.20 -12.44
N2 MUB D . -4.74 5.63 -15.88
N FGA E . -3.67 2.29 -9.62
CA FGA E . -3.68 2.02 -8.17
C FGA E . -3.40 3.31 -7.43
O FGA E . -4.36 4.01 -7.16
CB FGA E . -5.00 1.39 -7.67
OXT FGA E . -2.18 3.59 -7.21
PG ANP F . -5.36 0.82 -0.10
O1G ANP F . -6.58 -0.07 -0.24
O2G ANP F . -4.31 0.20 -1.00
O3G ANP F . -5.47 2.28 -0.08
PB ANP F . -3.92 -0.42 2.24
O1B ANP F . -4.68 -1.68 2.53
O2B ANP F . -2.68 -0.50 1.33
N3B ANP F . -5.00 0.76 1.60
PA ANP F . -2.14 0.88 4.17
O1A ANP F . -1.16 -0.13 4.76
O2A ANP F . -1.68 1.86 3.08
O3A ANP F . -3.52 0.14 3.72
O5' ANP F . -2.59 1.77 5.43
C5' ANP F . -3.61 2.79 5.25
C4' ANP F . -4.28 3.15 6.56
O4' ANP F . -5.18 2.13 7.00
C3' ANP F . -3.28 3.35 7.72
O3' ANP F . -2.66 4.64 7.78
C2' ANP F . -4.17 3.07 8.89
O2' ANP F . -4.97 4.24 9.17
C1' ANP F . -5.11 1.97 8.43
N9 ANP F . -4.64 0.59 8.70
C8 ANP F . -3.49 0.03 8.22
N7 ANP F . -3.41 -1.28 8.64
C5 ANP F . -4.55 -1.55 9.33
C6 ANP F . -5.10 -2.70 10.06
N6 ANP F . -4.41 -3.86 10.08
N1 ANP F . -6.30 -2.54 10.69
C2 ANP F . -7.00 -1.40 10.66
N3 ANP F . -6.52 -0.31 10.05
C4 ANP F . -5.35 -0.32 9.37
MG MG G . -1.91 1.75 0.33
MG MG H . -2.24 0.00 -0.64
#